data_1TL2
#
_entry.id   1TL2
#
_cell.length_a   89.460
_cell.length_b   89.460
_cell.length_c   73.620
_cell.angle_alpha   90.00
_cell.angle_beta   90.00
_cell.angle_gamma   120.00
#
_symmetry.space_group_name_H-M   'P 31 2 1'
#
loop_
_entity.id
_entity.type
_entity.pdbx_description
1 polymer 'PROTEIN (TACHYLECTIN-2)'
2 non-polymer 2-acetamido-2-deoxy-alpha-D-glucopyranose
3 water water
#
_entity_poly.entity_id   1
_entity_poly.type   'polypeptide(L)'
_entity_poly.pdbx_seq_one_letter_code
;VGGESMLRGVYQDKFYQGTYPQNKNDNWLARATLIGKGGWSNFKFLFLSPGGELYGVLNDKIYKGTPPTHDNDNWMGRAK
KIGNGGWNQFQFLFFDPNGYLYAVSKDKLYKASPPQSDTDNWIARATEVGSGGWSGFKFLFFHPNGYLYAVHGQQFYKAL
PPVSNQDNWLARATKIGQGGWDTFKFLFFSSVGTLFGVQGGKFYEDYPPSYAYDNWLARAKLIGNGGWDDFRFLFF
;
_entity_poly.pdbx_strand_id   A
#
loop_
_chem_comp.id
_chem_comp.type
_chem_comp.name
_chem_comp.formula
NDG D-saccharide, alpha linking 2-acetamido-2-deoxy-alpha-D-glucopyranose 'C8 H15 N O6'
#
# COMPACT_ATOMS: atom_id res chain seq x y z
N GLY A 2 18.45 0.50 -9.94
CA GLY A 2 19.14 1.00 -8.73
C GLY A 2 18.28 1.17 -7.49
N GLY A 3 18.90 1.07 -6.32
CA GLY A 3 18.35 1.29 -5.02
C GLY A 3 17.14 0.52 -4.55
N GLU A 4 17.29 -0.19 -3.42
CA GLU A 4 16.13 -0.78 -2.77
C GLU A 4 15.53 0.27 -1.82
N SER A 5 14.20 0.40 -1.81
CA SER A 5 13.63 1.38 -0.92
C SER A 5 13.58 0.94 0.54
N MET A 6 13.62 1.99 1.37
CA MET A 6 13.54 1.83 2.81
C MET A 6 12.13 1.55 3.29
N LEU A 7 12.04 0.86 4.42
CA LEU A 7 10.74 0.64 5.03
C LEU A 7 10.31 1.93 5.75
N ARG A 8 9.02 2.25 5.64
CA ARG A 8 8.55 3.45 6.36
C ARG A 8 7.29 3.10 7.15
N GLY A 9 7.08 3.82 8.26
CA GLY A 9 5.87 3.53 9.01
C GLY A 9 5.47 4.65 9.97
N VAL A 10 4.18 4.69 10.29
CA VAL A 10 3.72 5.68 11.25
C VAL A 10 3.23 4.90 12.47
N TYR A 11 3.83 5.30 13.58
CA TYR A 11 3.65 4.69 14.89
C TYR A 11 3.47 5.79 15.94
N GLN A 12 2.35 5.76 16.64
CA GLN A 12 2.04 6.75 17.68
C GLN A 12 2.18 8.18 17.19
N ASP A 13 1.63 8.47 16.01
CA ASP A 13 1.61 9.78 15.39
C ASP A 13 2.93 10.23 14.83
N LYS A 14 3.96 9.39 14.85
CA LYS A 14 5.28 9.78 14.38
C LYS A 14 5.63 9.00 13.11
N PHE A 15 6.54 9.54 12.33
CA PHE A 15 6.91 8.90 11.04
C PHE A 15 8.37 8.46 11.08
N TYR A 16 8.63 7.19 10.79
CA TYR A 16 9.96 6.62 10.86
C TYR A 16 10.38 5.97 9.54
N GLN A 17 11.68 5.87 9.31
CA GLN A 17 12.17 5.16 8.13
C GLN A 17 13.46 4.42 8.51
N GLY A 18 13.71 3.32 7.81
CA GLY A 18 14.95 2.57 8.00
C GLY A 18 14.95 1.33 7.11
N THR A 19 16.10 0.72 6.94
CA THR A 19 16.20 -0.53 6.21
C THR A 19 15.35 -1.55 6.96
N TYR A 20 14.63 -2.41 6.28
CA TYR A 20 13.74 -3.36 6.93
C TYR A 20 14.56 -4.29 7.84
N PRO A 21 13.94 -4.81 8.89
CA PRO A 21 14.61 -5.62 9.88
C PRO A 21 14.89 -7.01 9.32
N GLN A 22 16.05 -7.61 9.60
CA GLN A 22 16.32 -8.91 8.99
C GLN A 22 16.25 -10.08 9.95
N ASN A 23 15.89 -9.80 11.20
CA ASN A 23 15.73 -10.90 12.15
C ASN A 23 14.99 -10.35 13.35
N LYS A 24 14.37 -11.21 14.14
CA LYS A 24 13.58 -10.81 15.29
C LYS A 24 14.36 -10.19 16.42
N ASN A 25 15.70 -10.16 16.39
CA ASN A 25 16.47 -9.52 17.42
C ASN A 25 16.78 -8.07 17.06
N ASP A 26 16.41 -7.69 15.86
CA ASP A 26 16.67 -6.31 15.39
C ASP A 26 15.52 -5.42 15.85
N ASN A 27 15.77 -4.55 16.82
CA ASN A 27 14.76 -3.61 17.31
C ASN A 27 14.70 -2.42 16.35
N TRP A 28 13.80 -2.48 15.38
CA TRP A 28 13.76 -1.54 14.26
C TRP A 28 13.45 -0.12 14.69
N LEU A 29 12.47 0.00 15.59
CA LEU A 29 12.05 1.30 16.12
C LEU A 29 13.17 2.02 16.84
N ALA A 30 14.02 1.28 17.56
CA ALA A 30 15.16 1.88 18.24
C ALA A 30 16.19 2.41 17.27
N ARG A 31 16.36 1.84 16.08
CA ARG A 31 17.37 2.36 15.16
C ARG A 31 16.80 3.20 14.03
N ALA A 32 15.48 3.20 13.82
CA ALA A 32 14.93 3.89 12.63
C ALA A 32 15.14 5.39 12.66
N THR A 33 15.19 6.09 11.54
CA THR A 33 15.34 7.54 11.53
C THR A 33 13.96 8.17 11.73
N LEU A 34 13.82 9.08 12.69
CA LEU A 34 12.57 9.78 12.92
C LEU A 34 12.42 10.84 11.84
N ILE A 35 11.45 10.70 10.94
CA ILE A 35 11.35 11.69 9.85
C ILE A 35 10.10 12.57 10.02
N GLY A 36 9.39 12.40 11.12
CA GLY A 36 8.25 13.29 11.39
C GLY A 36 7.87 13.21 12.85
N LYS A 37 7.78 14.35 13.52
CA LYS A 37 7.45 14.38 14.94
C LYS A 37 5.98 14.27 15.30
N GLY A 38 5.07 14.51 14.38
CA GLY A 38 3.65 14.31 14.66
C GLY A 38 2.78 14.78 13.51
N GLY A 39 1.47 14.53 13.63
CA GLY A 39 0.50 14.89 12.63
C GLY A 39 0.18 13.83 11.59
N TRP A 40 0.78 12.65 11.68
CA TRP A 40 0.65 11.59 10.70
C TRP A 40 -0.45 10.60 10.96
N SER A 41 -0.93 10.48 12.20
CA SER A 41 -1.94 9.46 12.45
C SER A 41 -3.30 9.75 11.84
N ASN A 42 -3.72 10.93 11.44
CA ASN A 42 -5.09 11.05 10.93
C ASN A 42 -5.20 11.02 9.41
N PHE A 43 -4.09 10.85 8.69
CA PHE A 43 -4.21 10.60 7.24
C PHE A 43 -5.07 9.37 7.02
N LYS A 44 -5.87 9.37 5.96
CA LYS A 44 -6.62 8.16 5.63
C LYS A 44 -5.70 7.26 4.80
N PHE A 45 -4.93 7.86 3.89
CA PHE A 45 -3.99 7.08 3.08
C PHE A 45 -2.64 7.80 3.14
N LEU A 46 -1.55 7.08 3.02
CA LEU A 46 -0.20 7.64 3.03
C LEU A 46 0.69 6.65 2.26
N PHE A 47 1.07 7.00 1.04
CA PHE A 47 1.75 6.02 0.20
C PHE A 47 2.74 6.71 -0.75
N LEU A 48 3.65 5.90 -1.30
CA LEU A 48 4.70 6.45 -2.14
C LEU A 48 4.49 6.05 -3.59
N SER A 49 4.72 6.92 -4.55
CA SER A 49 4.63 6.57 -5.96
C SER A 49 5.97 5.90 -6.29
N PRO A 50 6.03 5.19 -7.40
CA PRO A 50 7.26 4.57 -7.84
C PRO A 50 8.31 5.61 -8.19
N GLY A 51 7.95 6.83 -8.54
CA GLY A 51 8.87 7.93 -8.74
C GLY A 51 9.39 8.56 -7.46
N GLY A 52 9.04 8.10 -6.26
CA GLY A 52 9.55 8.62 -5.02
C GLY A 52 8.77 9.77 -4.42
N GLU A 53 7.55 10.04 -4.89
CA GLU A 53 6.76 11.12 -4.27
C GLU A 53 5.80 10.58 -3.22
N LEU A 54 5.74 11.23 -2.06
CA LEU A 54 4.83 10.80 -1.01
C LEU A 54 3.45 11.41 -1.26
N TYR A 55 2.41 10.60 -1.18
CA TYR A 55 1.03 11.10 -1.35
C TYR A 55 0.30 10.91 -0.01
N GLY A 56 -0.47 11.91 0.42
CA GLY A 56 -1.18 11.77 1.70
C GLY A 56 -2.62 12.28 1.54
N VAL A 57 -3.59 11.50 2.02
CA VAL A 57 -4.99 11.95 2.00
C VAL A 57 -5.36 12.39 3.43
N LEU A 58 -5.77 13.64 3.61
CA LEU A 58 -6.07 14.17 4.93
C LEU A 58 -7.25 15.12 4.90
N ASN A 59 -8.27 14.82 5.72
CA ASN A 59 -9.45 15.69 5.79
C ASN A 59 -10.10 15.86 4.43
N ASP A 60 -10.27 14.78 3.69
CA ASP A 60 -10.86 14.76 2.36
C ASP A 60 -10.05 15.43 1.26
N LYS A 61 -8.82 15.86 1.49
CA LYS A 61 -7.97 16.47 0.49
C LYS A 61 -6.72 15.62 0.27
N ILE A 62 -6.06 15.81 -0.87
CA ILE A 62 -4.86 15.03 -1.18
C ILE A 62 -3.68 15.95 -1.47
N TYR A 63 -2.53 15.64 -0.89
CA TYR A 63 -1.28 16.36 -0.95
C TYR A 63 -0.13 15.48 -1.45
N LYS A 64 0.84 16.07 -2.14
CA LYS A 64 2.04 15.33 -2.53
C LYS A 64 3.31 16.17 -2.39
N GLY A 65 4.40 15.44 -2.17
CA GLY A 65 5.71 16.07 -2.13
C GLY A 65 6.73 14.97 -1.86
N THR A 66 8.00 15.30 -2.09
CA THR A 66 9.05 14.32 -1.77
C THR A 66 8.91 14.09 -0.27
N PRO A 67 9.20 12.88 0.19
CA PRO A 67 9.10 12.55 1.60
C PRO A 67 10.04 13.37 2.46
N PRO A 68 9.69 13.55 3.73
CA PRO A 68 10.52 14.30 4.67
C PRO A 68 11.81 13.56 4.95
N THR A 69 12.94 14.23 5.13
CA THR A 69 14.20 13.53 5.37
C THR A 69 14.70 13.64 6.79
N HIS A 70 14.05 14.50 7.58
CA HIS A 70 14.49 14.64 8.97
C HIS A 70 13.34 15.16 9.79
N ASP A 71 13.37 15.04 11.10
CA ASP A 71 12.23 15.26 11.97
C ASP A 71 11.66 16.67 11.98
N ASN A 72 12.39 17.69 11.57
CA ASN A 72 11.93 19.06 11.52
C ASN A 72 11.59 19.53 10.11
N ASP A 73 11.49 18.62 9.16
CA ASP A 73 11.08 18.94 7.80
C ASP A 73 9.55 19.04 7.87
N ASN A 74 9.01 20.21 7.65
CA ASN A 74 7.55 20.37 7.79
C ASN A 74 6.94 19.94 6.46
N TRP A 75 6.65 18.66 6.33
CA TRP A 75 6.18 18.13 5.05
C TRP A 75 4.92 18.81 4.55
N MET A 76 3.91 18.92 5.41
CA MET A 76 2.66 19.57 4.97
C MET A 76 2.82 21.03 4.64
N GLY A 77 3.81 21.72 5.19
CA GLY A 77 4.05 23.13 4.84
C GLY A 77 4.60 23.28 3.43
N ARG A 78 5.21 22.26 2.84
CA ARG A 78 5.74 22.39 1.48
C ARG A 78 5.05 21.49 0.48
N ALA A 79 4.18 20.59 0.95
CA ALA A 79 3.47 19.71 0.03
C ALA A 79 2.57 20.53 -0.89
N LYS A 80 2.35 20.02 -2.09
CA LYS A 80 1.43 20.66 -3.03
C LYS A 80 0.06 20.02 -2.83
N LYS A 81 -0.96 20.87 -2.71
CA LYS A 81 -2.33 20.38 -2.60
C LYS A 81 -2.80 20.05 -4.00
N ILE A 82 -3.15 18.80 -4.29
CA ILE A 82 -3.56 18.42 -5.64
C ILE A 82 -5.01 18.01 -5.73
N GLY A 83 -5.72 18.00 -4.64
CA GLY A 83 -7.12 17.61 -4.58
C GLY A 83 -7.81 18.41 -3.46
N ASN A 84 -8.93 19.06 -3.79
CA ASN A 84 -9.60 19.85 -2.77
C ASN A 84 -10.80 19.15 -2.15
N GLY A 85 -11.19 18.00 -2.69
CA GLY A 85 -12.34 17.34 -2.05
C GLY A 85 -12.67 16.00 -2.66
N GLY A 86 -13.36 15.16 -1.89
CA GLY A 86 -13.77 13.86 -2.34
C GLY A 86 -12.79 12.72 -2.16
N TRP A 87 -11.60 12.95 -1.64
CA TRP A 87 -10.58 11.91 -1.48
C TRP A 87 -10.86 10.95 -0.34
N ASN A 88 -11.75 11.27 0.60
CA ASN A 88 -12.12 10.29 1.62
C ASN A 88 -13.14 9.27 1.14
N GLN A 89 -13.69 9.45 -0.05
CA GLN A 89 -14.62 8.47 -0.60
C GLN A 89 -13.91 7.18 -1.00
N PHE A 90 -12.60 7.18 -1.23
CA PHE A 90 -11.94 5.97 -1.72
C PHE A 90 -11.72 4.91 -0.65
N GLN A 91 -11.84 3.66 -1.06
CA GLN A 91 -11.56 2.52 -0.18
C GLN A 91 -10.10 2.12 -0.35
N PHE A 92 -9.59 2.20 -1.60
CA PHE A 92 -8.20 1.90 -1.90
C PHE A 92 -7.61 2.98 -2.79
N LEU A 93 -6.32 3.28 -2.66
CA LEU A 93 -5.74 4.34 -3.54
C LEU A 93 -4.28 3.96 -3.73
N PHE A 94 -3.92 3.42 -4.91
CA PHE A 94 -2.57 2.85 -4.98
C PHE A 94 -2.00 2.96 -6.38
N PHE A 95 -0.67 2.82 -6.49
CA PHE A 95 -0.04 2.94 -7.79
C PHE A 95 0.36 1.63 -8.45
N ASP A 96 0.31 1.60 -9.79
CA ASP A 96 0.95 0.47 -10.49
C ASP A 96 2.42 0.89 -10.68
N PRO A 97 3.27 -0.01 -11.16
CA PRO A 97 4.69 0.22 -11.32
C PRO A 97 5.05 1.29 -12.33
N ASN A 98 4.17 1.65 -13.26
CA ASN A 98 4.46 2.69 -14.23
C ASN A 98 3.94 4.06 -13.80
N GLY A 99 3.39 4.19 -12.59
CA GLY A 99 2.96 5.53 -12.16
C GLY A 99 1.49 5.80 -12.39
N TYR A 100 0.68 4.81 -12.78
CA TYR A 100 -0.75 5.09 -12.93
C TYR A 100 -1.42 4.90 -11.54
N LEU A 101 -2.30 5.81 -11.18
CA LEU A 101 -3.04 5.69 -9.91
C LEU A 101 -4.30 4.86 -10.09
N TYR A 102 -4.51 3.90 -9.20
CA TYR A 102 -5.73 3.10 -9.21
C TYR A 102 -6.52 3.47 -7.95
N ALA A 103 -7.84 3.33 -8.06
CA ALA A 103 -8.69 3.75 -6.96
C ALA A 103 -9.99 2.93 -6.97
N VAL A 104 -10.47 2.62 -5.77
CA VAL A 104 -11.73 1.89 -5.65
C VAL A 104 -12.67 2.88 -4.97
N SER A 105 -13.81 3.15 -5.59
CA SER A 105 -14.82 4.01 -4.95
C SER A 105 -16.21 3.47 -5.30
N LYS A 106 -17.04 3.23 -4.32
CA LYS A 106 -18.39 2.69 -4.55
C LYS A 106 -18.40 1.44 -5.39
N ASP A 107 -17.58 0.46 -5.02
CA ASP A 107 -17.47 -0.82 -5.69
C ASP A 107 -16.89 -0.84 -7.09
N LYS A 108 -16.43 0.27 -7.64
CA LYS A 108 -15.85 0.33 -8.97
C LYS A 108 -14.33 0.59 -8.89
N LEU A 109 -13.62 0.20 -9.93
CA LEU A 109 -12.15 0.40 -9.97
C LEU A 109 -11.82 1.42 -11.05
N TYR A 110 -10.98 2.39 -10.74
CA TYR A 110 -10.66 3.47 -11.68
C TYR A 110 -9.15 3.56 -11.86
N LYS A 111 -8.70 4.08 -12.98
CA LYS A 111 -7.26 4.19 -13.26
C LYS A 111 -7.00 5.46 -14.06
N ALA A 112 -5.90 6.14 -13.79
CA ALA A 112 -5.49 7.29 -14.59
C ALA A 112 -4.17 7.81 -14.04
N SER A 113 -3.49 8.68 -14.79
CA SER A 113 -2.31 9.35 -14.25
C SER A 113 -2.80 10.23 -13.09
N PRO A 114 -2.00 10.40 -12.06
CA PRO A 114 -2.41 11.10 -10.86
C PRO A 114 -2.70 12.59 -11.08
N PRO A 115 -3.55 13.17 -10.23
CA PRO A 115 -3.87 14.58 -10.27
C PRO A 115 -2.60 15.39 -10.03
N GLN A 116 -2.50 16.48 -10.78
CA GLN A 116 -1.33 17.33 -10.75
C GLN A 116 -1.73 18.74 -10.29
N SER A 117 -3.00 18.99 -10.04
CA SER A 117 -3.40 20.30 -9.52
C SER A 117 -4.80 20.23 -8.94
N ASP A 118 -5.12 21.19 -8.08
CA ASP A 118 -6.36 21.42 -7.39
C ASP A 118 -7.60 21.43 -8.27
N THR A 119 -7.41 21.93 -9.48
CA THR A 119 -8.50 22.16 -10.42
C THR A 119 -8.75 20.94 -11.30
N ASP A 120 -7.95 19.90 -11.15
CA ASP A 120 -8.14 18.67 -11.93
C ASP A 120 -9.23 17.84 -11.29
N ASN A 121 -10.34 17.60 -11.99
CA ASN A 121 -11.36 16.69 -11.44
C ASN A 121 -10.95 15.27 -11.81
N TRP A 122 -10.12 14.68 -10.94
CA TRP A 122 -9.54 13.38 -11.22
C TRP A 122 -10.56 12.29 -11.45
N ILE A 123 -11.52 12.12 -10.55
CA ILE A 123 -12.54 11.07 -10.68
C ILE A 123 -13.32 11.21 -11.96
N ALA A 124 -13.54 12.41 -12.48
CA ALA A 124 -14.22 12.60 -13.74
C ALA A 124 -13.39 12.15 -14.94
N ARG A 125 -12.07 12.31 -14.95
CA ARG A 125 -11.30 11.90 -16.12
C ARG A 125 -10.71 10.51 -16.02
N ALA A 126 -10.83 9.88 -14.84
CA ALA A 126 -10.25 8.54 -14.66
C ALA A 126 -11.01 7.52 -15.48
N THR A 127 -10.37 6.47 -15.96
CA THR A 127 -11.08 5.41 -16.69
C THR A 127 -11.71 4.42 -15.73
N GLU A 128 -12.99 4.07 -15.92
CA GLU A 128 -13.57 2.98 -15.12
C GLU A 128 -13.16 1.64 -15.72
N VAL A 129 -12.23 0.91 -15.11
CA VAL A 129 -11.75 -0.35 -15.63
C VAL A 129 -12.39 -1.52 -14.89
N GLY A 130 -13.27 -1.25 -13.93
CA GLY A 130 -13.94 -2.33 -13.21
C GLY A 130 -15.29 -1.79 -12.72
N SER A 131 -16.38 -2.48 -13.06
CA SER A 131 -17.70 -2.00 -12.76
C SER A 131 -18.37 -2.46 -11.48
N GLY A 132 -17.87 -3.47 -10.80
CA GLY A 132 -18.52 -3.98 -9.59
C GLY A 132 -17.60 -5.03 -8.98
N GLY A 133 -17.79 -5.30 -7.70
CA GLY A 133 -17.05 -6.33 -7.01
C GLY A 133 -15.82 -5.82 -6.26
N TRP A 134 -15.35 -4.60 -6.51
CA TRP A 134 -14.08 -4.14 -5.95
C TRP A 134 -14.11 -3.68 -4.53
N SER A 135 -15.27 -3.41 -3.91
CA SER A 135 -15.22 -3.13 -2.46
C SER A 135 -15.17 -4.41 -1.63
N GLY A 136 -15.30 -5.58 -2.24
CA GLY A 136 -15.25 -6.85 -1.50
C GLY A 136 -13.87 -7.37 -1.17
N PHE A 137 -12.79 -6.74 -1.61
CA PHE A 137 -11.43 -7.14 -1.30
C PHE A 137 -10.93 -6.55 0.01
N LYS A 138 -10.06 -7.27 0.71
CA LYS A 138 -9.42 -6.77 1.92
C LYS A 138 -8.13 -6.07 1.57
N PHE A 139 -7.38 -6.59 0.59
CA PHE A 139 -6.13 -5.95 0.17
C PHE A 139 -6.11 -5.95 -1.37
N LEU A 140 -5.51 -4.95 -1.96
CA LEU A 140 -5.42 -4.85 -3.44
C LEU A 140 -4.11 -4.10 -3.68
N PHE A 141 -3.12 -4.75 -4.30
CA PHE A 141 -1.82 -4.10 -4.42
C PHE A 141 -1.05 -4.72 -5.58
N PHE A 142 -0.10 -3.95 -6.11
CA PHE A 142 0.68 -4.46 -7.24
C PHE A 142 2.04 -5.01 -6.85
N HIS A 143 2.46 -6.02 -7.60
CA HIS A 143 3.85 -6.48 -7.54
C HIS A 143 4.56 -5.53 -8.51
N PRO A 144 5.87 -5.34 -8.38
CA PRO A 144 6.67 -4.55 -9.31
C PRO A 144 6.67 -5.13 -10.71
N ASN A 145 6.35 -6.42 -10.88
CA ASN A 145 6.25 -6.98 -12.23
C ASN A 145 4.94 -6.55 -12.90
N GLY A 146 4.02 -5.87 -12.22
CA GLY A 146 2.80 -5.41 -12.90
C GLY A 146 1.57 -6.28 -12.65
N TYR A 147 1.74 -7.40 -11.95
CA TYR A 147 0.60 -8.23 -11.60
C TYR A 147 -0.15 -7.61 -10.41
N LEU A 148 -1.47 -7.68 -10.47
CA LEU A 148 -2.30 -7.21 -9.38
C LEU A 148 -2.55 -8.36 -8.41
N TYR A 149 -2.33 -8.13 -7.12
CA TYR A 149 -2.52 -9.13 -6.07
C TYR A 149 -3.72 -8.70 -5.22
N ALA A 150 -4.50 -9.67 -4.77
CA ALA A 150 -5.71 -9.35 -4.02
C ALA A 150 -6.10 -10.43 -3.02
N VAL A 151 -6.64 -9.95 -1.91
CA VAL A 151 -7.16 -10.82 -0.85
C VAL A 151 -8.69 -10.65 -0.87
N HIS A 152 -9.36 -11.75 -1.15
CA HIS A 152 -10.82 -11.77 -1.22
C HIS A 152 -11.32 -12.86 -0.26
N GLY A 153 -12.05 -12.45 0.76
CA GLY A 153 -12.47 -13.43 1.80
C GLY A 153 -11.21 -13.88 2.52
N GLN A 154 -10.91 -15.18 2.55
CA GLN A 154 -9.62 -15.59 3.13
C GLN A 154 -8.71 -16.12 2.03
N GLN A 155 -9.07 -15.87 0.79
CA GLN A 155 -8.35 -16.31 -0.39
C GLN A 155 -7.39 -15.26 -0.95
N PHE A 156 -6.36 -15.71 -1.65
CA PHE A 156 -5.34 -14.80 -2.19
C PHE A 156 -5.23 -15.06 -3.68
N TYR A 157 -5.26 -14.03 -4.51
CA TYR A 157 -5.21 -14.19 -5.96
C TYR A 157 -4.22 -13.24 -6.63
N LYS A 158 -3.84 -13.55 -7.87
CA LYS A 158 -2.98 -12.64 -8.64
C LYS A 158 -3.34 -12.78 -10.12
N ALA A 159 -3.23 -11.71 -10.90
CA ALA A 159 -3.47 -11.77 -12.33
C ALA A 159 -3.14 -10.40 -12.94
N LEU A 160 -2.88 -10.33 -14.23
CA LEU A 160 -2.67 -8.99 -14.84
C LEU A 160 -3.96 -8.23 -14.61
N PRO A 161 -3.90 -6.91 -14.42
CA PRO A 161 -5.05 -6.09 -14.12
C PRO A 161 -6.03 -6.02 -15.28
N PRO A 162 -7.28 -5.68 -15.00
CA PRO A 162 -8.34 -5.67 -15.99
C PRO A 162 -8.00 -4.71 -17.12
N VAL A 163 -8.31 -5.11 -18.33
CA VAL A 163 -7.99 -4.29 -19.51
C VAL A 163 -9.08 -3.27 -19.76
N SER A 164 -10.26 -3.52 -19.21
CA SER A 164 -11.40 -2.64 -19.36
C SER A 164 -12.51 -3.15 -18.45
N ASN A 165 -13.63 -2.41 -18.35
CA ASN A 165 -14.70 -2.87 -17.47
C ASN A 165 -15.48 -4.05 -18.00
N GLN A 166 -15.19 -4.61 -19.17
CA GLN A 166 -15.84 -5.81 -19.68
C GLN A 166 -15.00 -7.02 -19.29
N ASP A 167 -13.83 -6.77 -18.70
CA ASP A 167 -12.91 -7.82 -18.29
C ASP A 167 -13.26 -8.33 -16.90
N ASN A 168 -13.69 -9.58 -16.76
CA ASN A 168 -14.03 -10.12 -15.44
C ASN A 168 -12.76 -10.67 -14.78
N TRP A 169 -12.15 -9.85 -13.93
CA TRP A 169 -10.84 -10.14 -13.33
C TRP A 169 -10.81 -11.33 -12.40
N LEU A 170 -11.74 -11.35 -11.44
CA LEU A 170 -11.76 -12.41 -10.44
C LEU A 170 -11.98 -13.77 -11.07
N ALA A 171 -12.76 -13.84 -12.14
CA ALA A 171 -13.02 -15.08 -12.85
C ALA A 171 -11.74 -15.65 -13.47
N ARG A 172 -10.82 -14.81 -13.94
CA ARG A 172 -9.62 -15.37 -14.58
C ARG A 172 -8.39 -15.32 -13.69
N ALA A 173 -8.52 -14.86 -12.45
CA ALA A 173 -7.38 -14.72 -11.56
C ALA A 173 -6.84 -16.08 -11.11
N THR A 174 -5.54 -16.16 -10.92
CA THR A 174 -4.92 -17.37 -10.36
C THR A 174 -5.02 -17.37 -8.84
N LYS A 175 -5.47 -18.47 -8.26
CA LYS A 175 -5.57 -18.57 -6.80
C LYS A 175 -4.23 -19.02 -6.26
N ILE A 176 -3.64 -18.24 -5.36
CA ILE A 176 -2.33 -18.55 -4.80
C ILE A 176 -2.41 -18.76 -3.29
N GLY A 177 -3.63 -18.82 -2.78
CA GLY A 177 -3.82 -19.09 -1.34
C GLY A 177 -5.27 -19.37 -1.03
N GLN A 178 -5.50 -20.35 -0.14
CA GLN A 178 -6.87 -20.79 0.13
C GLN A 178 -7.39 -20.31 1.46
N GLY A 179 -6.56 -20.06 2.46
CA GLY A 179 -7.01 -19.52 3.73
C GLY A 179 -5.95 -18.78 4.54
N GLY A 180 -6.35 -18.10 5.60
CA GLY A 180 -5.52 -17.34 6.50
C GLY A 180 -5.12 -15.94 6.07
N TRP A 181 -5.38 -15.51 4.83
CA TRP A 181 -4.99 -14.21 4.32
C TRP A 181 -5.77 -13.05 4.90
N ASP A 182 -6.95 -13.31 5.48
CA ASP A 182 -7.77 -12.29 6.10
C ASP A 182 -7.29 -11.90 7.50
N THR A 183 -6.36 -12.64 8.09
CA THR A 183 -5.85 -12.37 9.41
C THR A 183 -4.69 -11.39 9.41
N PHE A 184 -4.18 -10.97 8.26
CA PHE A 184 -3.07 -10.01 8.26
C PHE A 184 -3.59 -8.58 8.45
N LYS A 185 -2.82 -7.75 9.11
CA LYS A 185 -3.13 -6.33 9.21
C LYS A 185 -2.50 -5.60 8.01
N PHE A 186 -1.24 -5.97 7.70
CA PHE A 186 -0.60 -5.35 6.52
C PHE A 186 -0.09 -6.48 5.62
N LEU A 187 -0.08 -6.31 4.32
CA LEU A 187 0.40 -7.31 3.37
C LEU A 187 0.84 -6.55 2.12
N PHE A 188 2.14 -6.53 1.83
CA PHE A 188 2.63 -5.61 0.81
C PHE A 188 3.95 -6.13 0.22
N PHE A 189 4.30 -5.62 -0.96
CA PHE A 189 5.58 -6.00 -1.56
C PHE A 189 6.67 -4.96 -1.35
N SER A 190 7.91 -5.42 -1.24
CA SER A 190 9.07 -4.55 -1.28
C SER A 190 9.34 -4.21 -2.74
N SER A 191 10.32 -3.39 -3.04
CA SER A 191 10.59 -2.99 -4.41
C SER A 191 11.24 -4.11 -5.23
N VAL A 192 11.69 -5.19 -4.58
CA VAL A 192 12.22 -6.33 -5.33
C VAL A 192 11.26 -7.51 -5.32
N GLY A 193 9.97 -7.32 -4.99
CA GLY A 193 9.01 -8.42 -5.07
C GLY A 193 8.97 -9.40 -3.92
N THR A 194 9.57 -9.09 -2.78
CA THR A 194 9.44 -9.97 -1.60
C THR A 194 8.14 -9.61 -0.88
N LEU A 195 7.36 -10.60 -0.50
CA LEU A 195 6.09 -10.33 0.19
C LEU A 195 6.34 -10.16 1.68
N PHE A 196 5.76 -9.12 2.27
CA PHE A 196 5.92 -8.81 3.69
C PHE A 196 4.53 -8.80 4.33
N GLY A 197 4.40 -9.34 5.56
CA GLY A 197 3.05 -9.40 6.13
C GLY A 197 3.14 -9.23 7.65
N VAL A 198 2.16 -8.55 8.23
CA VAL A 198 2.09 -8.52 9.70
C VAL A 198 0.78 -9.19 10.12
N GLN A 199 1.01 -10.21 10.96
CA GLN A 199 -0.06 -11.04 11.48
C GLN A 199 0.12 -11.16 12.99
N GLY A 200 -0.83 -10.58 13.71
CA GLY A 200 -0.88 -10.45 15.14
C GLY A 200 0.34 -9.92 15.83
N GLY A 201 0.95 -8.81 15.40
CA GLY A 201 2.15 -8.37 16.13
C GLY A 201 3.45 -8.87 15.53
N LYS A 202 3.43 -9.96 14.78
CA LYS A 202 4.63 -10.53 14.18
C LYS A 202 4.78 -10.11 12.72
N PHE A 203 6.03 -9.96 12.29
CA PHE A 203 6.36 -9.44 10.97
C PHE A 203 7.12 -10.51 10.19
N TYR A 204 6.67 -10.85 8.99
CA TYR A 204 7.19 -11.91 8.17
C TYR A 204 7.53 -11.46 6.74
N GLU A 205 8.49 -12.17 6.12
CA GLU A 205 8.83 -11.90 4.74
C GLU A 205 9.21 -13.20 4.02
N ASP A 206 8.91 -13.29 2.74
CA ASP A 206 9.34 -14.40 1.90
C ASP A 206 8.84 -14.19 0.48
N TYR A 207 9.41 -14.95 -0.46
CA TYR A 207 8.90 -14.91 -1.84
C TYR A 207 7.42 -15.28 -1.78
N PRO A 208 6.59 -14.70 -2.61
CA PRO A 208 5.15 -14.90 -2.54
C PRO A 208 4.75 -16.30 -2.98
N PRO A 209 3.60 -16.80 -2.54
CA PRO A 209 3.11 -18.11 -2.94
C PRO A 209 2.78 -18.10 -4.42
N SER A 210 3.03 -19.21 -5.12
CA SER A 210 2.73 -19.29 -6.54
C SER A 210 1.55 -20.21 -6.84
N TYR A 211 1.05 -20.93 -5.85
CA TYR A 211 -0.11 -21.79 -6.15
C TYR A 211 -0.87 -22.07 -4.87
N ALA A 212 -2.13 -22.48 -4.94
CA ALA A 212 -2.99 -22.47 -3.77
C ALA A 212 -2.51 -23.32 -2.60
N TYR A 213 -1.68 -24.34 -2.82
CA TYR A 213 -1.28 -25.20 -1.69
C TYR A 213 0.07 -24.86 -1.11
N ASP A 214 0.62 -23.70 -1.45
CA ASP A 214 1.91 -23.32 -0.85
C ASP A 214 1.64 -22.71 0.52
N ASN A 215 2.15 -23.31 1.58
CA ASN A 215 1.98 -22.81 2.95
C ASN A 215 2.98 -21.72 3.25
N TRP A 216 2.62 -20.48 2.86
CA TRP A 216 3.52 -19.34 3.00
C TRP A 216 3.95 -19.07 4.42
N LEU A 217 3.00 -19.06 5.34
CA LEU A 217 3.29 -18.77 6.74
C LEU A 217 4.18 -19.83 7.38
N ALA A 218 4.16 -21.09 6.95
CA ALA A 218 5.04 -22.11 7.50
C ALA A 218 6.48 -21.91 7.05
N ARG A 219 6.69 -21.30 5.87
CA ARG A 219 8.07 -21.13 5.43
C ARG A 219 8.64 -19.75 5.66
N ALA A 220 7.77 -18.73 5.84
CA ALA A 220 8.25 -17.36 5.88
C ALA A 220 9.26 -17.08 6.98
N LYS A 221 10.13 -16.11 6.73
CA LYS A 221 11.11 -15.74 7.75
C LYS A 221 10.46 -14.77 8.74
N LEU A 222 10.71 -15.00 10.01
CA LEU A 222 10.22 -14.13 11.08
C LEU A 222 11.19 -12.98 11.23
N ILE A 223 10.75 -11.75 10.95
CA ILE A 223 11.72 -10.67 11.04
C ILE A 223 11.32 -9.71 12.15
N GLY A 224 10.26 -10.06 12.88
CA GLY A 224 9.87 -9.14 13.96
C GLY A 224 8.88 -9.77 14.89
N ASN A 225 9.11 -9.49 16.18
CA ASN A 225 8.18 -10.05 17.17
C ASN A 225 7.72 -8.98 18.15
N GLY A 226 6.52 -8.47 17.93
CA GLY A 226 5.94 -7.49 18.80
C GLY A 226 5.93 -6.08 18.24
N GLY A 227 4.78 -5.42 18.44
CA GLY A 227 4.70 -4.01 18.15
C GLY A 227 4.25 -3.65 16.74
N TRP A 228 4.30 -4.57 15.79
CA TRP A 228 3.97 -4.28 14.41
C TRP A 228 2.48 -4.06 14.16
N ASP A 229 1.62 -4.58 15.04
CA ASP A 229 0.18 -4.31 14.95
C ASP A 229 -0.17 -2.91 15.46
N ASP A 230 0.74 -2.16 16.05
CA ASP A 230 0.50 -0.81 16.52
C ASP A 230 0.71 0.24 15.43
N PHE A 231 1.33 -0.13 14.32
CA PHE A 231 1.56 0.83 13.25
C PHE A 231 0.23 1.17 12.60
N ARG A 232 0.11 2.41 12.18
CA ARG A 232 -1.04 2.86 11.42
C ARG A 232 -0.80 2.65 9.93
N PHE A 233 0.42 2.88 9.46
CA PHE A 233 0.81 2.65 8.07
C PHE A 233 2.17 1.96 8.11
N LEU A 234 2.44 1.06 7.19
CA LEU A 234 3.73 0.37 7.11
C LEU A 234 3.91 0.00 5.63
N PHE A 235 4.90 0.56 4.96
CA PHE A 235 5.06 0.38 3.52
C PHE A 235 6.44 0.69 3.01
N PHE A 236 6.75 0.25 1.79
CA PHE A 236 7.98 0.55 1.10
C PHE A 236 7.70 1.58 -0.06
C1 NDG B . 4.89 19.09 10.64
C2 NDG B . 5.23 17.68 10.14
C3 NDG B . 6.04 17.02 11.23
C4 NDG B . 7.31 17.81 11.49
C5 NDG B . 6.98 19.27 11.81
C6 NDG B . 8.24 20.14 11.80
C7 NDG B . 3.45 16.84 8.78
C8 NDG B . 2.20 15.98 8.73
O5 NDG B . 6.11 19.80 10.79
O3 NDG B . 6.38 15.66 10.95
O4 NDG B . 8.00 17.24 12.59
O6 NDG B . 7.88 21.44 12.27
O7 NDG B . 3.90 17.38 7.78
N2 NDG B . 4.00 16.90 9.98
O1 NDG B . 4.13 19.16 11.53
C1 NDG C . 10.95 -4.47 18.91
C2 NDG C . 10.71 -4.77 17.43
C3 NDG C . 10.51 -6.25 17.31
C4 NDG C . 11.75 -6.97 17.81
C5 NDG C . 12.13 -6.54 19.23
C6 NDG C . 13.52 -7.05 19.61
C7 NDG C . 9.51 -3.01 16.35
C8 NDG C . 8.19 -2.40 15.95
O5 NDG C . 12.16 -5.10 19.30
O3 NDG C . 10.21 -6.65 15.98
O4 NDG C . 11.52 -8.37 17.81
O6 NDG C . 13.85 -6.62 20.94
O7 NDG C . 10.59 -2.47 16.08
N2 NDG C . 9.44 -4.16 17.00
O1 NDG C . 10.02 -4.59 19.64
C1 NDG D . -16.58 -8.53 -12.67
C2 NDG D . -15.41 -7.57 -12.47
C3 NDG D . -15.88 -6.20 -12.92
C4 NDG D . -16.30 -6.21 -14.37
C5 NDG D . -17.30 -7.35 -14.66
C6 NDG D . -17.40 -7.61 -16.18
C7 NDG D . -14.06 -8.24 -10.58
C8 NDG D . -13.78 -8.03 -9.10
O5 NDG D . -16.83 -8.58 -14.08
O3 NDG D . -14.85 -5.23 -12.71
O4 NDG D . -16.89 -5.00 -14.80
O6 NDG D . -18.55 -8.47 -16.37
O7 NDG D . -13.42 -9.03 -11.27
N2 NDG D . -15.05 -7.50 -11.06
O1 NDG D . -17.54 -8.34 -11.99
C1 NDG E . -13.01 16.85 -7.77
C2 NDG E . -11.68 16.33 -7.29
C3 NDG E . -10.97 17.37 -6.47
C4 NDG E . -10.85 18.65 -7.27
C5 NDG E . -12.19 19.09 -7.90
C6 NDG E . -11.99 20.20 -8.95
C7 NDG E . -11.69 13.94 -6.99
C8 NDG E . -11.81 12.82 -5.99
O5 NDG E . -12.82 18.00 -8.57
O3 NDG E . -9.65 16.89 -6.09
O4 NDG E . -10.39 19.74 -6.50
O6 NDG E . -13.28 20.44 -9.57
O7 NDG E . -11.41 13.75 -8.18
N2 NDG E . -11.92 15.14 -6.47
O1 NDG E . -13.92 16.76 -7.06
C1 NDG F . -1.60 -21.88 4.54
C2 NDG F . -1.63 -20.78 3.48
C3 NDG F . -2.71 -21.10 2.49
C4 NDG F . -2.51 -22.47 1.89
C5 NDG F . -2.32 -23.53 2.99
C6 NDG F . -1.87 -24.89 2.42
C7 NDG F . -1.00 -18.71 4.54
C8 NDG F . -1.43 -17.42 5.20
O5 NDG F . -1.28 -23.10 3.89
O3 NDG F . -2.80 -20.12 1.44
O4 NDG F . -3.64 -22.82 1.11
O6 NDG F . -1.29 -25.70 3.47
O7 NDG F . 0.19 -19.01 4.41
N2 NDG F . -1.98 -19.48 4.10
O1 NDG F . -2.49 -21.90 5.31
#